data_8A2H
#
_entry.id   8A2H
#
_cell.length_a   95.187
_cell.length_b   117.980
_cell.length_c   36.480
_cell.angle_alpha   90.000
_cell.angle_beta   90.000
_cell.angle_gamma   90.000
#
_symmetry.space_group_name_H-M   'P 21 21 2'
#
loop_
_entity.id
_entity.type
_entity.pdbx_description
1 polymer 'Stimulator of interferon genes protein'
2 non-polymer 2-azanyl-9-[(1~{R},6~{R},8~{R},9~{R},10~{S},15~{R},17~{R},18~{R})-8-(4-azanyl-5-phenyl-pyrrolo[2,3-d]pyrimidin-7-yl)-3,9,12,18-tetrakis(oxidanyl)-3,12-bis(oxidanylidene)-2,4,7,11,13,16-hexaoxa-3$l^{5},12$l^{5}-diphosphatricyclo[13.2.1.0^{6,10}]octadecan-17-yl]-1~{H}-purin-6-one
3 water water
#
_entity_poly.entity_id   1
_entity_poly.type   'polypeptide(L)'
_entity_poly.pdbx_seq_one_letter_code
;SAPAEISAVCEKGNFNVAHGLAWSYYIGYLRLILPELQARIRTYNQHYNNLLRGAVSQRLYILLPLDCGVPDNLSMADPN
IRFLDKLPQQTGDRAGIKDRVYSNSIYELLENGQRAGTCVLEYATPLQTLFAMSQYSQAGFSREDRLEQAKLFCRTLEDI
LADAPESQNNCRLIAYQEPADDSSFSLSQEVLRHLRQEEKEEVTVGSLKTSAVPSTSTMSQEPELLISGMEKPLPLRTDF
S
;
_entity_poly.pdbx_strand_id   A,B
#
loop_
_chem_comp.id
_chem_comp.type
_chem_comp.name
_chem_comp.formula
OK6 non-polymer 2-azanyl-9-[(1~{R},6~{R},8~{R},9~{R},10~{S},15~{R},17~{R},18~{R})-8-(4-azanyl-5-phenyl-pyrrolo[2,3-d]pyrimidin-7-yl)-3,9,12,18-tetrakis(oxidanyl)-3,12-bis(oxidanylidene)-2,4,7,11,13,16-hexaoxa-3$l^{5},12$l^{5}-diphosphatricyclo[13.2.1.0^{6,10}]octadecan-17-yl]-1~{H}-purin-6-one 'C27 H29 N9 O13 P2'
#
# COMPACT_ATOMS: atom_id res chain seq x y z
N GLY A 13 -13.39 -9.41 17.09
CA GLY A 13 -12.58 -10.47 16.39
C GLY A 13 -12.45 -10.15 14.90
N ASN A 14 -13.54 -10.43 14.15
CA ASN A 14 -13.62 -10.15 12.72
C ASN A 14 -13.87 -8.66 12.50
N PHE A 15 -14.20 -7.97 13.58
CA PHE A 15 -14.36 -6.52 13.61
C PHE A 15 -12.97 -5.85 13.54
N ASN A 16 -12.09 -6.25 14.46
CA ASN A 16 -10.82 -5.58 14.62
C ASN A 16 -9.93 -5.72 13.38
N VAL A 17 -9.92 -6.90 12.73
CA VAL A 17 -9.13 -7.06 11.51
C VAL A 17 -9.61 -6.07 10.44
N ALA A 18 -10.92 -6.13 10.15
CA ALA A 18 -11.59 -5.29 9.17
C ALA A 18 -11.35 -3.81 9.50
N HIS A 19 -11.61 -3.46 10.77
CA HIS A 19 -11.40 -2.12 11.29
C HIS A 19 -9.98 -1.66 10.94
N GLY A 20 -8.99 -2.46 11.32
CA GLY A 20 -7.60 -2.16 11.04
C GLY A 20 -7.35 -1.84 9.56
N LEU A 21 -7.92 -2.67 8.68
CA LEU A 21 -7.57 -2.52 7.28
C LEU A 21 -8.19 -1.24 6.72
N ALA A 22 -9.40 -0.90 7.21
CA ALA A 22 -10.11 0.30 6.78
C ALA A 22 -9.34 1.57 7.14
N TRP A 23 -8.77 1.62 8.35
CA TRP A 23 -7.96 2.75 8.80
C TRP A 23 -6.70 2.88 7.96
N SER A 24 -6.07 1.74 7.66
CA SER A 24 -4.85 1.64 6.86
C SER A 24 -5.08 2.26 5.48
N TYR A 25 -6.22 1.96 4.87
CA TYR A 25 -6.60 2.36 3.52
C TYR A 25 -6.89 3.87 3.51
N TYR A 26 -7.37 4.39 4.65
CA TYR A 26 -7.61 5.81 4.77
C TYR A 26 -6.28 6.54 5.01
N ILE A 27 -5.51 6.09 6.01
CA ILE A 27 -4.27 6.75 6.44
C ILE A 27 -3.27 6.75 5.29
N GLY A 28 -3.08 5.59 4.66
CA GLY A 28 -1.95 5.34 3.78
C GLY A 28 -2.26 5.56 2.30
N TYR A 29 -3.54 5.78 1.98
CA TYR A 29 -3.88 5.98 0.58
C TYR A 29 -4.86 7.14 0.38
N LEU A 30 -6.09 6.99 0.89
CA LEU A 30 -7.19 7.88 0.55
C LEU A 30 -6.91 9.32 0.97
N ARG A 31 -6.44 9.52 2.21
CA ARG A 31 -6.23 10.86 2.74
C ARG A 31 -5.10 11.59 2.02
N LEU A 32 -4.28 10.85 1.26
CA LEU A 32 -3.17 11.46 0.53
C LEU A 32 -3.54 11.79 -0.91
N ILE A 33 -4.45 11.03 -1.54
CA ILE A 33 -4.76 11.26 -2.94
C ILE A 33 -6.06 12.05 -3.09
N LEU A 34 -7.05 11.81 -2.23
CA LEU A 34 -8.36 12.40 -2.48
C LEU A 34 -8.29 13.92 -2.66
N PRO A 35 -7.47 14.66 -1.88
CA PRO A 35 -7.38 16.12 -2.03
C PRO A 35 -6.97 16.65 -3.41
N GLU A 36 -5.97 16.02 -4.03
CA GLU A 36 -5.44 16.51 -5.30
C GLU A 36 -6.26 15.98 -6.48
N LEU A 37 -7.07 14.95 -6.24
CA LEU A 37 -7.73 14.17 -7.28
C LEU A 37 -8.40 15.07 -8.33
N GLN A 38 -9.25 15.99 -7.88
CA GLN A 38 -10.05 16.82 -8.77
C GLN A 38 -9.18 17.74 -9.64
N ALA A 39 -8.08 18.27 -9.09
CA ALA A 39 -7.09 18.98 -9.89
C ALA A 39 -6.53 18.08 -10.99
N ARG A 40 -6.17 16.84 -10.63
CA ARG A 40 -5.63 15.87 -11.57
C ARG A 40 -6.61 15.62 -12.72
N ILE A 41 -7.89 15.36 -12.41
CA ILE A 41 -8.94 15.10 -13.38
C ILE A 41 -9.15 16.34 -14.26
N ARG A 42 -9.23 17.52 -13.63
CA ARG A 42 -9.52 18.76 -14.31
C ARG A 42 -8.46 19.06 -15.37
N THR A 43 -7.17 18.96 -14.99
CA THR A 43 -6.04 19.04 -15.89
C THR A 43 -6.20 18.06 -17.04
N TYR A 44 -6.63 16.83 -16.72
CA TYR A 44 -6.74 15.80 -17.75
C TYR A 44 -7.77 16.23 -18.81
N ASN A 45 -8.93 16.73 -18.35
CA ASN A 45 -10.05 17.01 -19.23
C ASN A 45 -9.73 18.22 -20.10
N GLN A 46 -9.18 19.28 -19.48
CA GLN A 46 -8.87 20.51 -20.18
C GLN A 46 -7.85 20.24 -21.27
N HIS A 47 -6.76 19.56 -20.93
CA HIS A 47 -5.64 19.44 -21.89
C HIS A 47 -5.66 18.19 -22.77
N TYR A 48 -6.39 17.13 -22.40
CA TYR A 48 -6.27 15.86 -23.16
C TYR A 48 -7.61 15.20 -23.46
N ASN A 49 -8.72 15.84 -23.11
CA ASN A 49 -10.06 15.20 -23.31
C ASN A 49 -11.09 16.27 -23.63
N ASN A 50 -11.06 16.76 -24.87
CA ASN A 50 -12.03 17.79 -25.32
C ASN A 50 -13.25 17.09 -25.92
N LEU A 51 -13.56 15.89 -25.43
CA LEU A 51 -14.77 15.18 -25.85
C LEU A 51 -15.95 15.64 -24.99
N LEU A 52 -16.97 16.18 -25.66
CA LEU A 52 -18.03 16.94 -25.01
C LEU A 52 -18.95 16.02 -24.21
N ARG A 53 -19.12 14.80 -24.69
CA ARG A 53 -19.95 13.85 -23.97
C ARG A 53 -19.07 12.77 -23.34
N GLY A 54 -17.75 13.02 -23.27
CA GLY A 54 -16.79 11.98 -22.90
C GLY A 54 -15.79 12.42 -21.84
N ALA A 55 -16.19 13.35 -20.97
CA ALA A 55 -15.31 13.85 -19.92
C ALA A 55 -15.09 12.74 -18.89
N VAL A 56 -13.99 12.85 -18.15
CA VAL A 56 -13.80 12.01 -16.99
C VAL A 56 -14.57 12.64 -15.83
N SER A 57 -15.16 11.78 -14.98
CA SER A 57 -15.95 12.26 -13.85
C SER A 57 -15.00 12.76 -12.77
N GLN A 58 -15.55 13.40 -11.73
CA GLN A 58 -14.72 14.02 -10.71
C GLN A 58 -14.60 13.15 -9.45
N ARG A 59 -15.15 11.93 -9.48
CA ARG A 59 -15.09 11.03 -8.32
C ARG A 59 -14.24 9.80 -8.64
N LEU A 60 -13.52 9.28 -7.63
CA LEU A 60 -12.88 7.98 -7.71
C LEU A 60 -13.88 6.88 -7.34
N TYR A 61 -14.09 5.94 -8.27
CA TYR A 61 -15.01 4.84 -8.06
C TYR A 61 -14.23 3.60 -7.61
N ILE A 62 -14.56 3.12 -6.40
CA ILE A 62 -13.87 2.02 -5.75
C ILE A 62 -14.82 0.81 -5.70
N LEU A 63 -14.46 -0.21 -6.50
CA LEU A 63 -15.19 -1.48 -6.46
C LEU A 63 -14.87 -2.24 -5.17
N LEU A 64 -15.94 -2.60 -4.44
CA LEU A 64 -15.84 -3.46 -3.26
C LEU A 64 -16.63 -4.75 -3.49
N PRO A 65 -16.01 -5.77 -4.14
CA PRO A 65 -16.68 -7.07 -4.36
C PRO A 65 -16.68 -7.82 -3.00
N LEU A 66 -17.83 -8.39 -2.64
CA LEU A 66 -18.07 -8.82 -1.26
C LEU A 66 -17.54 -10.24 -1.00
N ASP A 67 -17.14 -10.95 -2.05
CA ASP A 67 -16.48 -12.24 -1.94
C ASP A 67 -14.97 -12.05 -1.90
N CYS A 68 -14.52 -10.79 -2.03
CA CYS A 68 -13.10 -10.42 -2.09
C CYS A 68 -12.42 -11.01 -3.32
N GLY A 69 -13.21 -11.37 -4.34
CA GLY A 69 -12.63 -11.77 -5.62
C GLY A 69 -12.12 -10.56 -6.39
N VAL A 70 -10.80 -10.38 -6.41
CA VAL A 70 -10.20 -9.23 -7.06
C VAL A 70 -9.21 -9.71 -8.12
N PRO A 71 -9.59 -9.71 -9.43
CA PRO A 71 -8.62 -9.85 -10.51
C PRO A 71 -7.68 -8.66 -10.58
N ASP A 72 -6.53 -8.84 -11.24
CA ASP A 72 -5.51 -7.80 -11.33
C ASP A 72 -5.82 -6.86 -12.50
N ASN A 73 -6.46 -7.42 -13.54
CA ASN A 73 -6.77 -6.68 -14.75
C ASN A 73 -8.28 -6.54 -14.88
N LEU A 74 -8.74 -5.28 -14.89
CA LEU A 74 -10.16 -4.94 -14.91
C LEU A 74 -10.80 -5.32 -16.25
N SER A 75 -10.02 -5.24 -17.33
CA SER A 75 -10.51 -5.51 -18.67
C SER A 75 -10.99 -6.95 -18.82
N MET A 76 -10.24 -7.90 -18.22
CA MET A 76 -10.58 -9.31 -18.32
C MET A 76 -11.77 -9.64 -17.41
N ALA A 77 -12.03 -8.77 -16.42
CA ALA A 77 -13.21 -8.92 -15.57
C ALA A 77 -14.48 -8.76 -16.40
N ASP A 78 -14.43 -7.84 -17.38
CA ASP A 78 -15.56 -7.52 -18.25
C ASP A 78 -15.05 -6.83 -19.51
N PRO A 79 -15.44 -7.28 -20.73
CA PRO A 79 -14.97 -6.66 -21.97
C PRO A 79 -15.60 -5.30 -22.29
N ASN A 80 -16.61 -4.88 -21.53
CA ASN A 80 -17.26 -3.60 -21.75
C ASN A 80 -16.58 -2.52 -20.91
N ILE A 81 -15.45 -2.90 -20.28
CA ILE A 81 -14.58 -1.97 -19.59
C ILE A 81 -13.23 -1.98 -20.29
N ARG A 82 -12.91 -0.86 -20.94
CA ARG A 82 -11.66 -0.76 -21.69
C ARG A 82 -10.75 0.30 -21.08
N PHE A 83 -9.46 -0.06 -20.92
CA PHE A 83 -8.44 0.87 -20.47
C PHE A 83 -8.28 1.98 -21.51
N LEU A 84 -8.17 3.22 -21.04
CA LEU A 84 -8.03 4.38 -21.96
C LEU A 84 -6.68 5.06 -21.72
N ASP A 85 -6.48 5.60 -20.52
CA ASP A 85 -5.24 6.31 -20.22
C ASP A 85 -5.05 6.34 -18.70
N LYS A 86 -3.95 6.97 -18.27
CA LYS A 86 -3.65 7.18 -16.86
C LYS A 86 -3.73 8.68 -16.56
N LEU A 87 -4.22 9.05 -15.36
CA LEU A 87 -4.11 10.42 -14.90
C LEU A 87 -2.63 10.76 -14.71
N PRO A 88 -2.22 12.04 -14.68
CA PRO A 88 -0.85 12.40 -14.29
C PRO A 88 -0.54 11.93 -12.87
N GLN A 89 0.66 11.36 -12.69
CA GLN A 89 1.04 10.66 -11.47
C GLN A 89 1.25 11.64 -10.30
N GLN A 90 1.08 11.09 -9.08
CA GLN A 90 1.34 11.78 -7.83
C GLN A 90 2.42 11.02 -7.07
N THR A 91 3.37 11.76 -6.46
CA THR A 91 4.47 11.12 -5.74
C THR A 91 4.68 11.72 -4.35
N GLY A 92 5.19 10.89 -3.44
CA GLY A 92 5.53 11.27 -2.07
C GLY A 92 6.74 10.50 -1.54
N ASP A 93 7.63 11.22 -0.85
CA ASP A 93 8.67 10.60 -0.03
C ASP A 93 8.02 9.95 1.20
N ARG A 94 8.08 8.61 1.26
CA ARG A 94 7.35 7.90 2.32
C ARG A 94 8.21 6.87 3.08
N ALA A 95 8.34 7.01 4.40
CA ALA A 95 9.05 6.01 5.26
C ALA A 95 10.47 5.67 4.80
N GLY A 96 11.15 6.59 4.12
CA GLY A 96 12.53 6.33 3.66
C GLY A 96 12.56 5.94 2.20
N ILE A 97 11.39 5.84 1.58
CA ILE A 97 11.29 5.53 0.16
C ILE A 97 11.17 6.85 -0.61
N LYS A 98 12.25 7.23 -1.31
CA LYS A 98 12.29 8.45 -2.09
C LYS A 98 11.36 8.30 -3.29
N ASP A 99 10.41 9.22 -3.43
CA ASP A 99 9.57 9.25 -4.66
C ASP A 99 8.70 8.00 -4.81
N ARG A 100 7.79 7.78 -3.86
CA ARG A 100 6.80 6.68 -4.01
C ARG A 100 5.75 7.20 -5.00
N VAL A 101 5.12 6.29 -5.74
CA VAL A 101 4.29 6.68 -6.86
C VAL A 101 2.85 6.22 -6.62
N TYR A 102 1.92 7.18 -6.56
CA TYR A 102 0.49 6.89 -6.55
C TYR A 102 -0.06 7.17 -7.93
N SER A 103 -0.75 6.18 -8.52
CA SER A 103 -1.19 6.28 -9.90
C SER A 103 -2.63 5.74 -10.03
N ASN A 104 -3.36 6.26 -11.04
CA ASN A 104 -4.76 5.92 -11.23
C ASN A 104 -5.07 5.80 -12.72
N SER A 105 -5.99 4.88 -13.07
CA SER A 105 -6.28 4.55 -14.45
C SER A 105 -7.70 4.98 -14.81
N ILE A 106 -7.86 5.48 -16.05
CA ILE A 106 -9.13 5.93 -16.60
C ILE A 106 -9.63 4.84 -17.53
N TYR A 107 -10.91 4.50 -17.38
CA TYR A 107 -11.54 3.42 -18.13
C TYR A 107 -12.78 3.93 -18.85
N GLU A 108 -13.05 3.33 -20.01
CA GLU A 108 -14.24 3.64 -20.79
C GLU A 108 -15.23 2.54 -20.53
N LEU A 109 -16.51 2.91 -20.31
CA LEU A 109 -17.55 1.93 -20.08
C LEU A 109 -18.42 1.84 -21.34
N LEU A 110 -18.49 0.63 -21.92
CA LEU A 110 -19.19 0.41 -23.17
C LEU A 110 -20.57 -0.19 -22.91
N GLU A 111 -21.58 0.28 -23.65
CA GLU A 111 -22.95 -0.22 -23.57
C GLU A 111 -23.54 -0.20 -24.97
N ASN A 112 -24.20 -1.30 -25.37
N ASN A 112 -24.23 -1.28 -25.34
CA ASN A 112 -24.89 -1.38 -26.65
CA ASN A 112 -24.86 -1.46 -26.64
C ASN A 112 -23.95 -0.93 -27.77
C ASN A 112 -23.94 -0.91 -27.73
N GLY A 113 -22.66 -1.25 -27.64
CA GLY A 113 -21.67 -0.89 -28.64
C GLY A 113 -21.25 0.57 -28.61
N GLN A 114 -21.85 1.37 -27.71
CA GLN A 114 -21.51 2.78 -27.58
C GLN A 114 -20.74 3.01 -26.27
N ARG A 115 -20.16 4.21 -26.14
CA ARG A 115 -19.48 4.68 -24.94
C ARG A 115 -20.50 5.37 -24.01
N ALA A 116 -20.66 4.82 -22.79
CA ALA A 116 -21.69 5.26 -21.88
C ALA A 116 -21.14 6.08 -20.71
N GLY A 117 -19.84 5.98 -20.43
CA GLY A 117 -19.23 6.77 -19.37
C GLY A 117 -17.71 6.65 -19.37
N THR A 118 -17.05 7.55 -18.61
CA THR A 118 -15.61 7.54 -18.41
C THR A 118 -15.30 7.91 -16.95
N CYS A 119 -14.55 7.04 -16.25
CA CYS A 119 -14.26 7.31 -14.84
C CYS A 119 -12.94 6.68 -14.40
N VAL A 120 -12.42 7.17 -13.26
CA VAL A 120 -11.28 6.56 -12.60
C VAL A 120 -11.79 5.41 -11.72
N LEU A 121 -11.29 4.20 -11.98
CA LEU A 121 -11.90 2.97 -11.48
C LEU A 121 -10.80 2.01 -11.01
N GLU A 122 -11.02 1.40 -9.83
CA GLU A 122 -10.09 0.43 -9.25
C GLU A 122 -10.81 -0.36 -8.17
N TYR A 123 -10.26 -1.55 -7.84
CA TYR A 123 -10.68 -2.31 -6.66
C TYR A 123 -10.01 -1.75 -5.40
N ALA A 124 -10.68 -1.93 -4.26
CA ALA A 124 -10.08 -1.65 -2.97
C ALA A 124 -9.05 -2.75 -2.66
N THR A 125 -7.77 -2.39 -2.67
CA THR A 125 -6.71 -3.39 -2.62
C THR A 125 -6.78 -4.22 -1.33
N PRO A 126 -7.04 -3.63 -0.15
CA PRO A 126 -7.16 -4.42 1.08
C PRO A 126 -8.00 -5.70 1.03
N LEU A 127 -8.95 -5.81 0.07
CA LEU A 127 -9.79 -7.00 -0.03
C LEU A 127 -8.96 -8.24 -0.41
N GLN A 128 -7.84 -8.01 -1.11
CA GLN A 128 -6.91 -9.05 -1.53
C GLN A 128 -6.31 -9.75 -0.32
N THR A 129 -6.15 -9.01 0.80
CA THR A 129 -5.59 -9.55 2.02
C THR A 129 -6.61 -10.43 2.75
N LEU A 130 -7.88 -9.97 2.78
CA LEU A 130 -8.97 -10.73 3.34
C LEU A 130 -9.12 -12.10 2.64
N PHE A 131 -8.95 -12.12 1.30
CA PHE A 131 -8.98 -13.37 0.56
C PHE A 131 -7.86 -14.31 1.03
N ALA A 132 -6.62 -13.82 1.00
CA ALA A 132 -5.44 -14.62 1.29
C ALA A 132 -5.53 -15.20 2.69
N MET A 133 -5.96 -14.37 3.64
CA MET A 133 -6.04 -14.74 5.04
C MET A 133 -7.03 -15.89 5.22
N SER A 134 -8.01 -16.01 4.32
CA SER A 134 -8.99 -17.07 4.41
C SER A 134 -8.56 -18.28 3.56
N GLN A 135 -7.32 -18.25 3.09
CA GLN A 135 -6.77 -19.31 2.26
C GLN A 135 -5.55 -19.94 2.94
N TYR A 136 -4.83 -19.14 3.74
CA TYR A 136 -3.62 -19.62 4.40
C TYR A 136 -3.90 -20.11 5.82
N SER A 137 -3.44 -21.34 6.09
CA SER A 137 -3.65 -22.03 7.35
C SER A 137 -3.20 -21.15 8.51
N GLN A 138 -2.09 -20.42 8.32
CA GLN A 138 -1.39 -19.77 9.42
C GLN A 138 -2.22 -18.59 9.92
N ALA A 139 -3.03 -18.04 9.02
CA ALA A 139 -3.83 -16.88 9.33
C ALA A 139 -5.04 -17.29 10.18
N GLY A 140 -5.61 -18.45 9.88
CA GLY A 140 -6.71 -19.00 10.67
C GLY A 140 -8.02 -18.22 10.52
N PHE A 141 -8.56 -18.15 9.29
CA PHE A 141 -9.83 -17.48 9.04
C PHE A 141 -10.61 -18.30 8.03
N SER A 142 -11.93 -18.44 8.28
CA SER A 142 -12.82 -19.19 7.42
C SER A 142 -13.32 -18.30 6.29
N ARG A 143 -14.03 -18.90 5.31
CA ARG A 143 -14.68 -18.14 4.25
C ARG A 143 -15.75 -17.24 4.88
N GLU A 144 -16.51 -17.79 5.85
CA GLU A 144 -17.56 -17.01 6.51
C GLU A 144 -16.93 -15.83 7.25
N ASP A 145 -15.73 -16.05 7.83
CA ASP A 145 -15.02 -14.96 8.47
C ASP A 145 -14.80 -13.82 7.46
N ARG A 146 -14.29 -14.21 6.28
CA ARG A 146 -13.95 -13.27 5.24
C ARG A 146 -15.16 -12.43 4.84
N LEU A 147 -16.33 -13.08 4.74
CA LEU A 147 -17.57 -12.42 4.35
C LEU A 147 -18.01 -11.43 5.43
N GLU A 148 -17.90 -11.84 6.70
CA GLU A 148 -18.16 -10.92 7.79
C GLU A 148 -17.19 -9.75 7.73
N GLN A 149 -15.90 -10.05 7.51
CA GLN A 149 -14.85 -9.05 7.56
C GLN A 149 -15.05 -8.03 6.43
N ALA A 150 -15.45 -8.49 5.25
CA ALA A 150 -15.58 -7.62 4.09
C ALA A 150 -16.74 -6.64 4.30
N LYS A 151 -17.81 -7.12 4.95
CA LYS A 151 -18.98 -6.31 5.25
C LYS A 151 -18.58 -5.17 6.18
N LEU A 152 -17.79 -5.50 7.21
CA LEU A 152 -17.42 -4.55 8.25
C LEU A 152 -16.39 -3.56 7.71
N PHE A 153 -15.65 -3.97 6.68
CA PHE A 153 -14.67 -3.12 6.02
C PHE A 153 -15.36 -1.96 5.32
N CYS A 154 -16.47 -2.28 4.63
CA CYS A 154 -17.25 -1.27 3.92
C CYS A 154 -17.89 -0.30 4.91
N ARG A 155 -18.43 -0.85 6.00
CA ARG A 155 -19.12 -0.06 7.00
C ARG A 155 -18.15 0.94 7.65
N THR A 156 -16.94 0.47 7.99
CA THR A 156 -15.98 1.31 8.68
C THR A 156 -15.48 2.39 7.72
N LEU A 157 -15.32 2.01 6.45
CA LEU A 157 -14.84 2.93 5.44
C LEU A 157 -15.87 4.05 5.26
N GLU A 158 -17.15 3.68 5.08
CA GLU A 158 -18.24 4.64 4.99
C GLU A 158 -18.20 5.61 6.17
N ASP A 159 -18.15 5.07 7.40
CA ASP A 159 -18.09 5.91 8.59
C ASP A 159 -16.91 6.86 8.49
N ILE A 160 -15.73 6.34 8.11
CA ILE A 160 -14.53 7.16 8.02
C ILE A 160 -14.77 8.30 7.03
N LEU A 161 -15.35 7.99 5.85
CA LEU A 161 -15.44 8.95 4.76
C LEU A 161 -16.48 10.03 5.09
N ALA A 162 -17.50 9.64 5.87
CA ALA A 162 -18.60 10.53 6.17
C ALA A 162 -18.12 11.68 7.05
N ASP A 163 -16.98 11.47 7.74
CA ASP A 163 -16.44 12.46 8.66
C ASP A 163 -15.11 12.99 8.15
N ALA A 164 -14.69 12.54 6.96
CA ALA A 164 -13.32 12.83 6.52
C ALA A 164 -13.28 14.20 5.84
N PRO A 165 -12.29 15.05 6.19
CA PRO A 165 -12.16 16.36 5.56
C PRO A 165 -11.66 16.29 4.12
N GLU A 166 -11.12 15.12 3.73
CA GLU A 166 -10.52 14.97 2.41
C GLU A 166 -11.59 14.54 1.41
N SER A 167 -12.61 13.83 1.91
CA SER A 167 -13.73 13.45 1.08
C SER A 167 -14.65 14.66 0.91
N GLN A 168 -14.80 15.10 -0.34
CA GLN A 168 -15.64 16.26 -0.69
C GLN A 168 -16.27 15.96 -2.04
N ASN A 169 -17.17 14.97 -2.10
CA ASN A 169 -17.78 14.51 -3.34
C ASN A 169 -16.71 14.01 -4.32
N ASN A 170 -15.65 13.41 -3.77
CA ASN A 170 -14.53 13.03 -4.62
C ASN A 170 -14.26 11.53 -4.45
N CYS A 171 -15.32 10.78 -4.13
CA CYS A 171 -15.21 9.38 -3.81
C CYS A 171 -16.59 8.73 -3.92
N ARG A 172 -16.62 7.46 -4.31
CA ARG A 172 -17.86 6.67 -4.33
C ARG A 172 -17.51 5.19 -4.16
N LEU A 173 -18.14 4.53 -3.17
CA LEU A 173 -17.96 3.11 -2.97
C LEU A 173 -19.04 2.34 -3.72
N ILE A 174 -18.63 1.29 -4.44
CA ILE A 174 -19.55 0.42 -5.17
C ILE A 174 -19.46 -1.02 -4.65
N ALA A 175 -20.38 -1.39 -3.75
CA ALA A 175 -20.37 -2.75 -3.23
C ALA A 175 -21.44 -3.58 -3.93
N TYR A 176 -21.14 -4.86 -4.15
CA TYR A 176 -21.96 -5.79 -4.93
C TYR A 176 -21.55 -7.21 -4.55
N GLN A 177 -22.52 -8.14 -4.58
CA GLN A 177 -22.28 -9.57 -4.43
C GLN A 177 -21.97 -10.15 -5.82
N GLU A 178 -21.14 -11.20 -5.89
CA GLU A 178 -20.65 -11.64 -7.21
C GLU A 178 -20.75 -13.16 -7.34
N SER A 183 -21.24 -14.71 -14.75
CA SER A 183 -22.47 -15.43 -15.15
C SER A 183 -23.25 -14.60 -16.17
N SER A 184 -24.35 -13.99 -15.71
CA SER A 184 -25.05 -12.96 -16.47
C SER A 184 -24.57 -11.58 -16.04
N PHE A 185 -24.05 -11.49 -14.82
CA PHE A 185 -23.63 -10.25 -14.17
C PHE A 185 -22.67 -9.46 -15.04
N SER A 186 -22.79 -8.13 -14.99
CA SER A 186 -21.97 -7.22 -15.76
C SER A 186 -21.45 -6.10 -14.85
N LEU A 187 -20.11 -6.00 -14.77
CA LEU A 187 -19.45 -5.05 -13.89
C LEU A 187 -19.70 -3.63 -14.37
N SER A 188 -19.50 -3.40 -15.67
CA SER A 188 -19.67 -2.09 -16.29
C SER A 188 -21.08 -1.55 -16.02
N GLN A 189 -22.10 -2.41 -16.17
CA GLN A 189 -23.48 -1.99 -16.00
C GLN A 189 -23.69 -1.49 -14.57
N GLU A 190 -23.15 -2.26 -13.60
CA GLU A 190 -23.13 -1.94 -12.19
C GLU A 190 -22.54 -0.55 -11.97
N VAL A 191 -21.40 -0.27 -12.63
CA VAL A 191 -20.72 1.01 -12.44
C VAL A 191 -21.53 2.11 -13.11
N LEU A 192 -22.24 1.76 -14.19
CA LEU A 192 -22.97 2.73 -14.98
C LEU A 192 -24.21 3.19 -14.21
N ARG A 193 -24.77 2.30 -13.39
CA ARG A 193 -25.94 2.65 -12.61
C ARG A 193 -25.58 3.67 -11.54
N HIS A 194 -24.37 3.55 -10.97
CA HIS A 194 -23.87 4.52 -10.01
C HIS A 194 -23.54 5.84 -10.69
N LEU A 195 -22.88 5.78 -11.86
CA LEU A 195 -22.56 6.99 -12.63
C LEU A 195 -23.83 7.78 -12.96
N ARG A 196 -24.85 7.06 -13.42
CA ARG A 196 -26.06 7.71 -13.90
C ARG A 196 -26.81 8.35 -12.74
N GLN A 197 -26.70 7.76 -11.55
CA GLN A 197 -27.44 8.21 -10.37
C GLN A 197 -27.11 9.66 -10.05
N GLU A 198 -25.82 10.06 -10.17
CA GLU A 198 -25.36 11.38 -9.80
C GLU A 198 -26.27 12.45 -10.42
N ASN B 16 -5.67 -8.74 16.48
CA ASN B 16 -6.39 -8.83 15.18
C ASN B 16 -6.01 -7.66 14.26
N VAL B 17 -6.03 -6.43 14.81
CA VAL B 17 -5.65 -5.27 14.02
C VAL B 17 -4.28 -5.55 13.38
N ALA B 18 -3.27 -5.83 14.19
CA ALA B 18 -1.89 -6.02 13.68
C ALA B 18 -1.78 -7.24 12.77
N HIS B 19 -2.71 -8.17 12.87
CA HIS B 19 -2.66 -9.42 12.08
C HIS B 19 -2.92 -9.09 10.62
N GLY B 20 -3.99 -8.36 10.36
CA GLY B 20 -4.29 -7.94 8.98
C GLY B 20 -3.21 -7.02 8.45
N LEU B 21 -2.66 -6.18 9.33
CA LEU B 21 -1.57 -5.33 8.89
C LEU B 21 -0.37 -6.14 8.40
N ALA B 22 -0.03 -7.23 9.10
CA ALA B 22 1.11 -8.07 8.81
C ALA B 22 0.92 -8.86 7.52
N TRP B 23 -0.29 -9.40 7.33
CA TRP B 23 -0.62 -10.09 6.10
C TRP B 23 -0.75 -9.07 4.94
N SER B 24 -1.29 -7.90 5.23
CA SER B 24 -1.30 -6.81 4.26
C SER B 24 0.10 -6.62 3.70
N TYR B 25 1.11 -6.54 4.60
CA TYR B 25 2.46 -6.16 4.23
C TYR B 25 3.10 -7.25 3.37
N TYR B 26 2.77 -8.51 3.68
CA TYR B 26 3.35 -9.62 2.95
C TYR B 26 2.67 -9.81 1.59
N ILE B 27 1.33 -9.83 1.60
CA ILE B 27 0.52 -10.10 0.43
C ILE B 27 0.63 -8.95 -0.57
N GLY B 28 0.47 -7.71 -0.10
CA GLY B 28 0.45 -6.54 -0.97
C GLY B 28 1.84 -6.15 -1.47
N TYR B 29 2.91 -6.54 -0.76
CA TYR B 29 4.22 -5.91 -1.06
C TYR B 29 5.36 -6.94 -1.07
N LEU B 30 5.63 -7.60 0.07
CA LEU B 30 6.85 -8.36 0.28
C LEU B 30 6.96 -9.57 -0.66
N ARG B 31 5.81 -10.21 -0.97
CA ARG B 31 5.85 -11.39 -1.83
C ARG B 31 5.92 -10.98 -3.30
N LEU B 32 5.72 -9.69 -3.59
CA LEU B 32 5.76 -9.22 -4.97
C LEU B 32 7.18 -8.80 -5.33
N ILE B 33 7.88 -8.14 -4.40
CA ILE B 33 9.10 -7.44 -4.75
C ILE B 33 10.33 -8.30 -4.45
N LEU B 34 10.27 -9.07 -3.35
CA LEU B 34 11.44 -9.82 -2.90
C LEU B 34 11.89 -10.78 -4.00
N PRO B 35 10.98 -11.60 -4.59
CA PRO B 35 11.34 -12.48 -5.70
C PRO B 35 12.17 -11.83 -6.80
N GLU B 36 12.13 -10.50 -6.94
CA GLU B 36 12.80 -9.84 -8.05
C GLU B 36 13.92 -8.91 -7.57
N LEU B 37 14.26 -8.95 -6.27
CA LEU B 37 15.09 -7.90 -5.69
C LEU B 37 16.55 -8.02 -6.18
N GLN B 38 17.06 -9.24 -6.32
CA GLN B 38 18.45 -9.50 -6.71
C GLN B 38 18.70 -9.02 -8.14
N ALA B 39 17.75 -9.26 -9.05
CA ALA B 39 17.90 -8.82 -10.44
C ALA B 39 17.97 -7.29 -10.51
N ARG B 40 17.26 -6.62 -9.60
CA ARG B 40 17.28 -5.17 -9.53
C ARG B 40 18.66 -4.70 -9.06
N ILE B 41 19.26 -5.46 -8.11
CA ILE B 41 20.56 -5.15 -7.55
C ILE B 41 21.62 -5.37 -8.63
N ARG B 42 21.63 -6.57 -9.22
CA ARG B 42 22.66 -7.00 -10.16
C ARG B 42 22.68 -6.08 -11.37
N THR B 43 21.50 -5.68 -11.85
CA THR B 43 21.36 -4.61 -12.83
C THR B 43 22.16 -3.40 -12.38
N TYR B 44 21.83 -2.86 -11.21
CA TYR B 44 22.46 -1.61 -10.71
C TYR B 44 23.92 -1.86 -10.32
N ASN B 45 24.20 -2.95 -9.61
CA ASN B 45 25.58 -3.18 -9.08
C ASN B 45 26.58 -3.21 -10.23
N GLN B 46 26.24 -3.90 -11.32
CA GLN B 46 27.22 -4.05 -12.43
C GLN B 46 27.24 -2.79 -13.29
N HIS B 47 26.18 -2.00 -13.25
CA HIS B 47 26.11 -0.84 -14.14
C HIS B 47 25.25 0.29 -13.53
N ALA B 55 30.23 -2.00 -2.57
CA ALA B 55 28.98 -2.06 -3.38
C ALA B 55 27.80 -2.57 -2.52
N VAL B 56 26.58 -2.45 -3.06
CA VAL B 56 25.33 -2.60 -2.32
C VAL B 56 25.09 -4.07 -1.97
N SER B 57 24.70 -4.32 -0.71
CA SER B 57 24.32 -5.66 -0.26
C SER B 57 22.98 -6.06 -0.88
N GLN B 58 22.74 -7.37 -1.00
CA GLN B 58 21.56 -7.84 -1.78
C GLN B 58 20.38 -8.25 -0.91
N ARG B 59 20.29 -7.73 0.31
CA ARG B 59 19.14 -7.97 1.17
C ARG B 59 18.44 -6.63 1.43
N LEU B 60 17.10 -6.66 1.51
CA LEU B 60 16.31 -5.52 1.97
C LEU B 60 16.34 -5.44 3.50
N TYR B 61 16.83 -4.32 4.03
CA TYR B 61 16.83 -4.02 5.45
C TYR B 61 15.58 -3.22 5.81
N ILE B 62 14.75 -3.78 6.69
CA ILE B 62 13.49 -3.19 7.07
C ILE B 62 13.55 -2.86 8.56
N LEU B 63 13.45 -1.56 8.88
CA LEU B 63 13.46 -1.12 10.26
C LEU B 63 12.06 -1.24 10.84
N LEU B 64 12.03 -1.72 12.10
CA LEU B 64 10.81 -1.96 12.85
C LEU B 64 10.91 -1.23 14.20
N PRO B 65 10.80 0.12 14.24
CA PRO B 65 10.73 0.83 15.53
C PRO B 65 9.40 0.66 16.27
N LEU B 66 9.49 0.01 17.44
CA LEU B 66 8.34 -0.41 18.23
C LEU B 66 7.54 0.80 18.75
N ASP B 67 8.23 1.96 18.88
CA ASP B 67 7.56 3.21 19.26
C ASP B 67 6.78 3.77 18.07
N CYS B 68 6.92 3.13 16.89
CA CYS B 68 6.15 3.42 15.70
C CYS B 68 6.42 4.84 15.19
N GLY B 69 7.47 5.49 15.71
CA GLY B 69 7.91 6.79 15.21
C GLY B 69 8.73 6.61 13.94
N VAL B 70 8.19 7.10 12.82
CA VAL B 70 8.68 6.80 11.48
C VAL B 70 8.78 8.10 10.68
N PRO B 71 9.97 8.74 10.60
CA PRO B 71 10.18 9.89 9.73
C PRO B 71 10.30 9.51 8.27
N ASP B 72 9.63 10.29 7.39
CA ASP B 72 9.68 10.00 5.96
C ASP B 72 11.12 10.11 5.45
N ASN B 73 11.95 10.88 6.16
CA ASN B 73 13.36 11.03 5.82
C ASN B 73 14.23 10.39 6.92
N LEU B 74 15.12 9.47 6.51
CA LEU B 74 15.96 8.72 7.44
C LEU B 74 17.06 9.63 8.01
N SER B 75 17.45 10.65 7.26
CA SER B 75 18.46 11.58 7.77
C SER B 75 17.98 12.28 9.03
N MET B 76 16.66 12.26 9.26
CA MET B 76 16.06 12.80 10.46
C MET B 76 16.36 11.91 11.66
N ALA B 77 16.43 10.59 11.46
CA ALA B 77 16.65 9.65 12.56
C ALA B 77 18.13 9.57 12.91
N ASP B 78 18.99 9.82 11.91
CA ASP B 78 20.46 9.81 12.11
C ASP B 78 21.08 10.49 10.89
N PRO B 79 21.80 11.62 11.06
CA PRO B 79 22.38 12.33 9.92
C PRO B 79 23.54 11.56 9.29
N ASN B 80 23.96 10.46 9.92
CA ASN B 80 24.97 9.61 9.30
C ASN B 80 24.32 8.65 8.30
N ILE B 81 23.02 8.86 8.03
CA ILE B 81 22.27 8.11 7.03
C ILE B 81 21.94 9.07 5.88
N ARG B 82 22.69 8.95 4.78
CA ARG B 82 22.49 9.86 3.65
C ARG B 82 21.97 9.07 2.44
N PHE B 83 21.05 9.69 1.70
CA PHE B 83 20.47 9.07 0.51
C PHE B 83 21.56 9.00 -0.57
N LEU B 84 21.53 7.93 -1.36
CA LEU B 84 22.55 7.74 -2.42
C LEU B 84 21.86 7.60 -3.78
N ASP B 85 20.96 6.63 -3.95
CA ASP B 85 20.33 6.44 -5.24
C ASP B 85 19.04 5.64 -5.08
N LYS B 86 18.31 5.49 -6.19
CA LYS B 86 17.18 4.58 -6.25
C LYS B 86 17.58 3.33 -7.05
N LEU B 87 16.97 2.20 -6.70
CA LEU B 87 17.06 1.01 -7.54
C LEU B 87 16.27 1.24 -8.83
N PRO B 88 16.45 0.41 -9.88
CA PRO B 88 15.49 0.36 -10.98
C PRO B 88 14.10 0.00 -10.46
N GLN B 89 13.09 0.72 -10.94
CA GLN B 89 11.71 0.49 -10.51
C GLN B 89 11.22 -0.88 -10.93
N GLN B 90 10.07 -1.26 -10.38
CA GLN B 90 9.40 -2.49 -10.75
C GLN B 90 7.93 -2.14 -10.96
N THR B 91 7.32 -2.76 -11.97
CA THR B 91 5.92 -2.48 -12.23
C THR B 91 5.10 -3.77 -12.12
N GLY B 92 3.93 -3.63 -11.49
CA GLY B 92 2.89 -4.64 -11.56
C GLY B 92 1.57 -3.99 -11.91
N ASP B 93 0.82 -4.61 -12.82
CA ASP B 93 -0.58 -4.30 -12.97
C ASP B 93 -1.32 -5.05 -11.86
N ARG B 94 -1.96 -4.31 -10.96
CA ARG B 94 -2.65 -4.96 -9.85
C ARG B 94 -3.89 -4.19 -9.40
N ALA B 95 -4.98 -4.94 -9.22
CA ALA B 95 -6.23 -4.47 -8.64
C ALA B 95 -6.94 -3.53 -9.61
N GLY B 96 -6.68 -3.76 -10.91
CA GLY B 96 -7.21 -2.92 -11.97
C GLY B 96 -6.58 -1.52 -12.00
N ILE B 97 -5.38 -1.38 -11.42
CA ILE B 97 -4.55 -0.20 -11.62
C ILE B 97 -3.36 -0.63 -12.49
N LYS B 98 -3.15 0.11 -13.59
CA LYS B 98 -2.22 -0.30 -14.62
C LYS B 98 -0.86 0.33 -14.35
N ASP B 99 0.19 -0.50 -14.35
CA ASP B 99 1.57 -0.02 -14.15
C ASP B 99 1.72 0.58 -12.76
N ARG B 100 1.49 -0.21 -11.70
CA ARG B 100 1.75 0.25 -10.35
C ARG B 100 3.24 0.08 -10.05
N VAL B 101 3.85 1.15 -9.48
CA VAL B 101 5.29 1.25 -9.37
C VAL B 101 5.74 0.93 -7.94
N TYR B 102 6.74 0.04 -7.84
CA TYR B 102 7.42 -0.30 -6.60
C TYR B 102 8.84 0.27 -6.61
N SER B 103 9.13 1.15 -5.64
CA SER B 103 10.39 1.89 -5.60
C SER B 103 11.09 1.72 -4.25
N ASN B 104 12.43 1.67 -4.28
CA ASN B 104 13.28 1.48 -3.12
C ASN B 104 14.52 2.34 -3.22
N SER B 105 15.10 2.68 -2.07
CA SER B 105 16.20 3.62 -2.01
C SER B 105 17.45 2.98 -1.41
N ILE B 106 18.62 3.33 -1.95
CA ILE B 106 19.88 2.88 -1.40
C ILE B 106 20.45 4.01 -0.56
N TYR B 107 21.12 3.63 0.55
CA TYR B 107 21.62 4.60 1.50
C TYR B 107 23.07 4.28 1.84
N GLU B 108 23.88 5.33 2.01
CA GLU B 108 25.19 5.14 2.61
C GLU B 108 25.08 5.38 4.11
N LEU B 109 25.97 4.72 4.87
CA LEU B 109 26.08 4.87 6.31
C LEU B 109 27.50 5.31 6.64
N LEU B 110 27.59 6.46 7.33
CA LEU B 110 28.84 7.18 7.53
C LEU B 110 29.44 6.82 8.88
N GLU B 111 30.78 6.82 8.95
CA GLU B 111 31.55 6.63 10.17
C GLU B 111 32.72 7.60 10.11
N ASN B 112 32.76 8.55 11.06
CA ASN B 112 33.73 9.64 11.10
C ASN B 112 33.74 10.38 9.77
N GLY B 113 32.53 10.75 9.30
CA GLY B 113 32.35 11.58 8.12
C GLY B 113 32.50 10.81 6.81
N GLN B 114 32.84 9.52 6.88
CA GLN B 114 33.23 8.79 5.68
C GLN B 114 32.39 7.53 5.52
N ARG B 115 32.07 7.17 4.26
CA ARG B 115 31.24 6.01 3.99
C ARG B 115 31.83 4.75 4.65
N ALA B 116 30.95 3.93 5.24
CA ALA B 116 31.33 2.67 5.86
C ALA B 116 30.54 1.52 5.25
N GLY B 117 29.28 1.78 4.88
CA GLY B 117 28.43 0.76 4.27
C GLY B 117 27.50 1.34 3.22
N THR B 118 26.79 0.44 2.52
CA THR B 118 25.81 0.79 1.50
C THR B 118 24.73 -0.29 1.51
N CYS B 119 23.46 0.10 1.68
CA CYS B 119 22.40 -0.89 1.58
C CYS B 119 21.07 -0.24 1.25
N VAL B 120 20.11 -1.10 0.85
CA VAL B 120 18.72 -0.73 0.56
C VAL B 120 17.95 -0.81 1.87
N LEU B 121 17.31 0.29 2.27
CA LEU B 121 16.87 0.48 3.64
C LEU B 121 15.52 1.20 3.68
N GLU B 122 14.67 0.83 4.64
CA GLU B 122 13.35 1.45 4.77
C GLU B 122 12.68 1.00 6.07
N TYR B 123 11.71 1.80 6.52
CA TYR B 123 10.84 1.43 7.64
C TYR B 123 9.65 0.62 7.12
N ALA B 124 9.06 -0.20 7.98
CA ALA B 124 7.81 -0.91 7.62
C ALA B 124 6.68 0.11 7.70
N THR B 125 6.09 0.47 6.57
CA THR B 125 5.05 1.54 6.55
C THR B 125 3.90 1.20 7.50
N PRO B 126 3.43 -0.05 7.60
CA PRO B 126 2.29 -0.36 8.46
C PRO B 126 2.35 0.17 9.91
N LEU B 127 3.53 0.56 10.40
CA LEU B 127 3.70 1.06 11.80
C LEU B 127 3.40 2.56 11.80
N GLN B 128 3.50 3.19 10.64
CA GLN B 128 3.18 4.59 10.47
C GLN B 128 1.66 4.74 10.46
N THR B 129 0.99 3.68 10.01
CA THR B 129 -0.46 3.60 10.03
C THR B 129 -0.95 3.39 11.45
N LEU B 130 -0.18 2.60 12.23
CA LEU B 130 -0.56 2.26 13.58
C LEU B 130 -0.43 3.49 14.47
N PHE B 131 0.56 4.34 14.16
CA PHE B 131 0.77 5.59 14.87
C PHE B 131 -0.41 6.55 14.63
N ALA B 132 -0.80 6.73 13.36
CA ALA B 132 -1.83 7.70 13.01
C ALA B 132 -3.19 7.31 13.60
N MET B 133 -3.46 6.00 13.64
CA MET B 133 -4.67 5.47 14.26
C MET B 133 -4.73 5.83 15.74
N SER B 134 -3.55 5.94 16.38
CA SER B 134 -3.52 6.28 17.79
C SER B 134 -3.78 7.77 18.01
N GLN B 135 -3.65 8.56 16.92
CA GLN B 135 -3.77 10.01 16.97
C GLN B 135 -5.19 10.48 16.65
N TYR B 136 -5.99 9.63 16.01
CA TYR B 136 -7.34 9.95 15.57
C TYR B 136 -8.37 9.29 16.49
N SER B 137 -9.38 10.06 16.92
CA SER B 137 -10.32 9.57 17.93
C SER B 137 -11.24 8.49 17.39
N GLN B 138 -11.63 8.59 16.11
CA GLN B 138 -12.62 7.70 15.55
C GLN B 138 -12.07 6.27 15.47
N ALA B 139 -10.75 6.13 15.67
CA ALA B 139 -10.09 4.84 15.52
C ALA B 139 -10.17 4.05 16.83
N GLY B 140 -10.36 4.74 17.95
CA GLY B 140 -10.58 4.10 19.24
C GLY B 140 -9.38 3.29 19.70
N PHE B 141 -8.19 3.92 19.66
CA PHE B 141 -6.92 3.21 19.76
C PHE B 141 -6.00 4.02 20.66
N SER B 142 -5.73 3.50 21.87
CA SER B 142 -4.89 4.16 22.86
C SER B 142 -3.40 3.99 22.51
N ARG B 143 -2.53 4.74 23.21
CA ARG B 143 -1.09 4.61 23.03
C ARG B 143 -0.59 3.28 23.59
N GLU B 144 -1.32 2.72 24.58
CA GLU B 144 -1.00 1.41 25.12
C GLU B 144 -1.34 0.34 24.08
N ASP B 145 -2.43 0.58 23.35
CA ASP B 145 -2.84 -0.40 22.35
C ASP B 145 -1.78 -0.44 21.25
N ARG B 146 -1.22 0.72 20.94
CA ARG B 146 -0.28 0.85 19.83
C ARG B 146 0.96 0.01 20.07
N LEU B 147 1.49 0.01 21.31
CA LEU B 147 2.72 -0.74 21.57
C LEU B 147 2.45 -2.25 21.47
N GLU B 148 1.27 -2.67 21.93
CA GLU B 148 0.98 -4.09 21.93
C GLU B 148 0.75 -4.56 20.49
N GLN B 149 0.12 -3.70 19.67
CA GLN B 149 -0.17 -4.02 18.28
C GLN B 149 1.13 -3.97 17.47
N ALA B 150 2.08 -3.14 17.89
CA ALA B 150 3.38 -3.07 17.24
C ALA B 150 4.15 -4.37 17.45
N LYS B 151 4.24 -4.82 18.72
CA LYS B 151 4.90 -6.08 19.06
C LYS B 151 4.24 -7.24 18.31
N LEU B 152 2.90 -7.26 18.32
CA LEU B 152 2.11 -8.26 17.64
C LEU B 152 2.44 -8.29 16.15
N PHE B 153 2.45 -7.10 15.52
CA PHE B 153 2.80 -6.93 14.13
C PHE B 153 4.18 -7.55 13.84
N CYS B 154 5.17 -7.25 14.69
CA CYS B 154 6.50 -7.78 14.45
C CYS B 154 6.46 -9.30 14.53
N ARG B 155 5.81 -9.84 15.58
CA ARG B 155 5.75 -11.28 15.76
C ARG B 155 5.20 -11.94 14.50
N THR B 156 3.98 -11.54 14.11
CA THR B 156 3.26 -12.15 12.99
C THR B 156 4.11 -12.15 11.72
N LEU B 157 4.69 -11.00 11.37
CA LEU B 157 5.49 -10.86 10.17
C LEU B 157 6.65 -11.85 10.20
N GLU B 158 7.30 -11.98 11.36
CA GLU B 158 8.42 -12.89 11.54
C GLU B 158 8.01 -14.33 11.23
N ASP B 159 6.84 -14.75 11.73
CA ASP B 159 6.35 -16.12 11.55
C ASP B 159 6.01 -16.41 10.09
N ILE B 160 5.26 -15.49 9.46
CA ILE B 160 4.99 -15.56 8.03
C ILE B 160 6.31 -15.75 7.27
N LEU B 161 7.37 -15.03 7.68
CA LEU B 161 8.55 -14.99 6.85
C LEU B 161 9.43 -16.22 7.06
N ALA B 162 9.13 -16.98 8.11
CA ALA B 162 9.83 -18.24 8.36
C ALA B 162 9.35 -19.33 7.40
N ASP B 163 8.03 -19.51 7.28
CA ASP B 163 7.45 -20.56 6.40
C ASP B 163 7.56 -20.10 4.95
N ALA B 164 8.29 -19.03 4.68
CA ALA B 164 8.55 -18.59 3.32
C ALA B 164 10.04 -18.23 3.18
N PRO B 165 10.96 -19.23 3.10
CA PRO B 165 12.40 -18.96 2.94
C PRO B 165 12.77 -18.13 1.71
N GLU B 166 11.99 -18.29 0.64
CA GLU B 166 12.17 -17.48 -0.58
C GLU B 166 11.94 -16.02 -0.21
N SER B 167 11.50 -15.79 1.03
CA SER B 167 11.26 -14.44 1.49
C SER B 167 12.36 -14.01 2.47
N GLN B 168 12.57 -14.81 3.54
CA GLN B 168 13.45 -14.42 4.63
C GLN B 168 14.87 -14.19 4.10
N ASN B 169 15.31 -15.02 3.14
CA ASN B 169 16.69 -15.04 2.69
C ASN B 169 17.05 -13.84 1.80
N ASN B 170 16.07 -12.98 1.53
CA ASN B 170 16.26 -11.82 0.68
C ASN B 170 16.10 -10.53 1.50
N CYS B 171 15.91 -10.68 2.82
CA CYS B 171 15.63 -9.52 3.65
C CYS B 171 16.11 -9.74 5.08
N ARG B 172 16.20 -8.63 5.82
CA ARG B 172 16.63 -8.68 7.24
C ARG B 172 15.81 -7.67 8.04
N LEU B 173 15.09 -8.13 9.06
CA LEU B 173 14.27 -7.30 9.93
C LEU B 173 15.09 -6.82 11.13
N ILE B 174 14.87 -5.57 11.55
CA ILE B 174 15.47 -5.07 12.77
C ILE B 174 14.42 -4.38 13.63
N ALA B 175 14.02 -5.05 14.71
CA ALA B 175 13.12 -4.54 15.73
C ALA B 175 13.94 -4.00 16.90
N TYR B 176 13.50 -2.85 17.46
CA TYR B 176 14.19 -2.15 18.55
C TYR B 176 13.24 -1.18 19.25
N GLN B 177 13.69 -0.66 20.40
CA GLN B 177 12.88 0.17 21.28
C GLN B 177 13.76 1.27 21.86
N GLU B 178 13.27 2.51 21.83
CA GLU B 178 14.01 3.67 22.34
C GLU B 178 13.31 4.26 23.56
N PRO B 179 14.06 4.60 24.64
CA PRO B 179 13.47 5.21 25.83
C PRO B 179 13.52 6.76 25.82
N ASP B 181 14.41 10.30 25.35
CA ASP B 181 15.52 10.67 24.43
C ASP B 181 16.82 10.02 24.91
N ASP B 182 17.24 8.94 24.23
CA ASP B 182 18.44 8.23 24.61
C ASP B 182 19.55 8.46 23.58
N SER B 183 20.46 9.38 23.92
CA SER B 183 21.58 9.77 23.08
C SER B 183 22.55 8.60 22.91
N SER B 184 22.24 7.47 23.56
CA SER B 184 23.06 6.27 23.48
C SER B 184 22.93 5.60 22.11
N PHE B 185 21.84 5.87 21.37
CA PHE B 185 21.45 5.01 20.26
C PHE B 185 21.77 5.65 18.92
N SER B 186 22.59 4.95 18.11
CA SER B 186 22.86 5.34 16.74
C SER B 186 22.26 4.29 15.80
N LEU B 187 21.25 4.70 15.02
CA LEU B 187 20.62 3.82 14.05
C LEU B 187 21.65 3.39 13.01
N SER B 188 22.53 4.32 12.63
CA SER B 188 23.59 4.06 11.66
C SER B 188 24.49 2.94 12.15
N GLN B 189 24.84 2.99 13.45
CA GLN B 189 25.79 2.06 14.05
C GLN B 189 25.17 0.67 14.15
N GLU B 190 23.86 0.63 14.43
CA GLU B 190 23.12 -0.61 14.57
C GLU B 190 22.99 -1.31 13.22
N VAL B 191 22.72 -0.53 12.16
CA VAL B 191 22.66 -1.14 10.84
C VAL B 191 24.03 -1.72 10.50
N LEU B 192 25.09 -0.90 10.66
CA LEU B 192 26.45 -1.29 10.32
C LEU B 192 26.87 -2.51 11.11
N ARG B 193 26.39 -2.61 12.35
CA ARG B 193 26.62 -3.79 13.17
C ARG B 193 26.04 -5.03 12.48
N HIS B 194 24.80 -4.91 12.00
CA HIS B 194 24.13 -5.96 11.23
C HIS B 194 24.82 -6.23 9.87
N LEU B 195 25.31 -5.18 9.20
CA LEU B 195 25.95 -5.40 7.90
C LEU B 195 27.26 -6.17 8.05
N ARG B 196 28.08 -5.77 9.03
CA ARG B 196 29.38 -6.41 9.21
C ARG B 196 29.18 -7.86 9.67
N GLN B 197 28.08 -8.12 10.40
CA GLN B 197 27.84 -9.43 10.97
C GLN B 197 27.37 -10.40 9.88
N GLU B 198 26.81 -9.87 8.79
CA GLU B 198 26.41 -10.68 7.65
C GLU B 198 27.66 -11.16 6.92
N GLU B 199 28.68 -10.28 6.87
CA GLU B 199 29.94 -10.55 6.19
C GLU B 199 30.74 -11.62 6.93
N LYS B 200 30.30 -11.99 8.13
CA LYS B 200 30.91 -13.09 8.88
C LYS B 200 30.25 -14.41 8.49
N GLU B 201 29.44 -14.40 7.42
CA GLU B 201 28.84 -15.61 6.86
C GLU B 201 29.05 -15.63 5.31
N1 OK6 C . 5.46 0.90 -2.63
N3 OK6 C . 5.31 -0.20 -0.51
C4 OK6 C . 4.03 -0.60 -0.77
C5 OK6 C . 3.40 -0.24 -2.06
C6 OK6 C . 4.20 0.56 -3.02
C7 OK6 C . 0.26 -0.31 -5.26
C8 OK6 C . 1.80 -1.51 -0.84
C10 OK6 C . -1.26 -0.95 -3.52
C11 OK6 C . -0.18 -0.99 -2.65
C12 OK6 C . 2.15 -0.80 -2.03
C9 OK6 C . -1.04 -0.60 -4.85
C3 OK6 C . 1.33 -0.37 -4.35
C2 OK6 C . 5.98 0.54 -1.42
C1 OK6 C . 1.17 -0.73 -2.99
C1' OK6 C . 3.13 -1.92 1.21
C16 OK6 C . -0.11 -3.20 1.94
C2' OK6 C . 2.70 -0.76 2.07
C21 OK6 C . -2.50 -0.33 0.63
C22 OK6 C . -2.96 -0.59 2.05
C24 OK6 C . -3.31 0.79 2.57
C25 OK6 C . -2.19 1.29 3.47
C3' OK6 C . 1.26 -1.11 2.46
C32 OK6 C . -3.16 0.98 0.23
C34 OK6 C . -0.98 2.11 -0.48
C36 OK6 C . -2.54 1.84 -1.93
C37 OK6 C . -1.40 2.49 -2.59
C38 OK6 C . -1.56 2.78 -4.04
C4' OK6 C . 1.22 -2.64 2.44
C40 OK6 C . -3.74 1.85 -3.93
N01 OK6 C . 3.66 0.97 -4.33
N33 OK6 C . -2.23 1.66 -0.68
N35 OK6 C . -0.45 2.62 -1.63
N39 OK6 C . -2.73 2.45 -4.62
N41 OK6 C . -5.07 1.45 -4.52
N42 OK6 C . -3.64 1.56 -2.62
N9 OK6 C . 3.08 -1.31 -0.16
O17 OK6 C . -0.49 -2.58 0.70
O19 OK6 C . -2.63 -3.80 0.93
O2' OK6 C . 3.62 -0.61 3.16
O20 OK6 C . -2.79 -1.46 -0.19
O23 OK6 C . -4.07 -1.52 2.06
O26 OK6 C . -0.97 1.33 2.74
O28 OK6 C . 0.82 -0.44 3.64
O29 OK6 C . 1.45 1.84 2.72
O30 OK6 C . 0.22 1.72 4.88
O31 OK6 C . -3.43 1.67 1.44
O4' OK6 C . 2.21 -3.00 1.48
O43 OK6 C . -0.62 3.33 -4.66
O44 OK6 C . -1.75 -3.39 -1.31
P18 OK6 C . -1.94 -2.81 0.06
P27 OK6 C . 0.41 1.11 3.53
#